data_7JH2
#
_entry.id   7JH2
#
_cell.length_a   110.737
_cell.length_b   110.737
_cell.length_c   96.975
_cell.angle_alpha   90.00
_cell.angle_beta   90.00
_cell.angle_gamma   120.00
#
_symmetry.space_group_name_H-M   'P 61'
#
loop_
_entity.id
_entity.type
_entity.pdbx_description
1 polymer 'Nuclear receptor ROR-gamma'
2 non-polymer 2-({[2-(4-{(3R)-1-(4-acetylpiperazine-1-carbonyl)-3-[(4-fluorophenyl)sulfonyl]pyrrolidin-3-yl}phenyl)-1,1,1,3,3,3-hexafluoropropan-2-yl]oxy}methyl)-3-fluorobenzonitrile
3 non-polymer 'SULFATE ION'
4 water water
#
_entity_poly.entity_id   1
_entity_poly.type   'polypeptide(L)'
_entity_poly.pdbx_seq_one_letter_code
;MGSSHHHHHHSSGLVPRGSHMASLTEIEHLVQSVCKSYRETCQLRLEDLLRQRSNIFSREEVTGYQRKSMWEMWERCAHH
LTEAIQYVVEFAKRLSGFMELCQNDQIVLLKAGAMEVVLVRMCRAYNADNRTVFFEGKYGGMELFRALGCSELISSIFDF
SHSLSALHFSEDEIALYTALVLINAHRPGLQEKRKVEQLQYNLELAFHHHLCKTHRQSILAKLPPKGKLRSLCSQHVERL
QIFQHLHPIVVQAAFPPLYKELFST
;
_entity_poly.pdbx_strand_id   A,B
#
# COMPACT_ATOMS: atom_id res chain seq x y z
N ALA A 22 -3.15 6.68 28.14
CA ALA A 22 -2.88 5.62 27.18
C ALA A 22 -2.04 4.53 27.85
N SER A 23 -2.42 3.25 27.65
CA SER A 23 -1.67 2.14 28.23
C SER A 23 -0.36 1.89 27.47
N LEU A 24 0.56 1.10 28.06
CA LEU A 24 1.82 0.75 27.40
C LEU A 24 1.59 -0.12 26.14
N THR A 25 0.47 -0.85 26.10
CA THR A 25 0.06 -1.66 24.95
C THR A 25 -0.60 -0.76 23.89
N GLU A 26 -1.39 0.23 24.32
CA GLU A 26 -2.03 1.18 23.39
C GLU A 26 -0.99 2.05 22.68
N ILE A 27 0.09 2.40 23.38
CA ILE A 27 1.16 3.20 22.83
C ILE A 27 1.96 2.38 21.84
N GLU A 28 2.32 1.12 22.17
CA GLU A 28 3.01 0.24 21.21
C GLU A 28 2.16 0.06 19.93
N HIS A 29 0.81 -0.01 20.07
CA HIS A 29 -0.14 -0.11 18.95
C HIS A 29 -0.16 1.19 18.14
N LEU A 30 -0.06 2.35 18.82
CA LEU A 30 -0.02 3.65 18.16
C LEU A 30 1.27 3.79 17.34
N VAL A 31 2.39 3.30 17.88
CA VAL A 31 3.67 3.29 17.17
C VAL A 31 3.52 2.48 15.86
N GLN A 32 2.96 1.26 15.97
CA GLN A 32 2.74 0.37 14.84
C GLN A 32 1.77 0.92 13.81
N SER A 33 0.73 1.59 14.28
CA SER A 33 -0.29 2.22 13.46
C SER A 33 0.29 3.40 12.65
N VAL A 34 1.18 4.23 13.28
CA VAL A 34 1.82 5.36 12.62
C VAL A 34 2.85 4.84 11.61
N CYS A 35 3.64 3.83 12.03
CA CYS A 35 4.67 3.28 11.15
C CYS A 35 4.06 2.54 9.94
N LYS A 36 2.86 1.95 10.10
CA LYS A 36 2.15 1.25 9.01
C LYS A 36 1.69 2.29 7.98
N SER A 37 1.09 3.39 8.43
CA SER A 37 0.65 4.46 7.56
C SER A 37 1.83 5.05 6.78
N TYR A 38 2.97 5.23 7.47
CA TYR A 38 4.18 5.75 6.84
C TYR A 38 4.67 4.78 5.78
N ARG A 39 4.73 3.46 6.10
CA ARG A 39 5.24 2.42 5.19
C ARG A 39 4.42 2.39 3.89
N GLU A 40 3.12 2.58 4.00
CA GLU A 40 2.24 2.57 2.84
C GLU A 40 2.34 3.84 1.99
N THR A 41 2.90 4.93 2.54
CA THR A 41 2.93 6.21 1.86
C THR A 41 4.31 6.85 1.80
N CYS A 42 5.40 6.06 2.00
CA CYS A 42 6.75 6.62 2.04
C CYS A 42 7.30 7.04 0.67
N GLN A 43 6.54 6.83 -0.42
CA GLN A 43 6.83 7.29 -1.79
C GLN A 43 8.04 6.62 -2.50
N LEU A 44 9.21 6.61 -1.87
CA LEU A 44 10.44 6.03 -2.42
C LEU A 44 10.97 5.01 -1.42
N ARG A 45 11.50 3.91 -1.92
CA ARG A 45 12.08 2.89 -1.08
C ARG A 45 13.43 3.40 -0.56
N LEU A 46 13.67 3.28 0.75
CA LEU A 46 14.93 3.67 1.37
C LEU A 46 16.14 2.98 0.70
N GLU A 47 16.00 1.69 0.40
CA GLU A 47 17.05 0.88 -0.20
C GLU A 47 17.46 1.41 -1.57
N ASP A 48 16.50 1.91 -2.35
CA ASP A 48 16.79 2.51 -3.66
C ASP A 48 17.52 3.86 -3.48
N LEU A 49 17.13 4.65 -2.48
CA LEU A 49 17.80 5.92 -2.20
C LEU A 49 19.23 5.68 -1.75
N LEU A 50 19.44 4.67 -0.91
CA LEU A 50 20.77 4.36 -0.40
C LEU A 50 21.67 3.75 -1.46
N ARG A 51 21.11 2.95 -2.35
CA ARG A 51 21.87 2.32 -3.45
C ARG A 51 22.32 3.39 -4.44
N GLN A 52 21.47 4.38 -4.71
CA GLN A 52 21.76 5.46 -5.65
C GLN A 52 22.74 6.49 -5.12
N ARG A 53 23.20 6.39 -3.86
CA ARG A 53 24.16 7.36 -3.29
C ARG A 53 25.42 7.52 -4.13
N SER A 54 25.88 6.43 -4.75
CA SER A 54 27.07 6.43 -5.58
C SER A 54 26.84 7.03 -6.99
N ASN A 55 25.58 7.20 -7.39
CA ASN A 55 25.21 7.74 -8.69
C ASN A 55 25.10 9.28 -8.57
N ILE A 56 26.21 9.97 -8.76
CA ILE A 56 26.27 11.42 -8.59
C ILE A 56 26.32 12.15 -9.92
N PHE A 57 25.59 13.27 -10.06
CA PHE A 57 25.62 14.07 -11.29
C PHE A 57 27.04 14.52 -11.63
N SER A 58 27.42 14.41 -12.90
CA SER A 58 28.72 14.89 -13.36
C SER A 58 28.70 16.44 -13.45
N ARG A 59 29.88 17.07 -13.64
CA ARG A 59 29.96 18.54 -13.78
C ARG A 59 29.13 19.02 -14.96
N GLU A 60 29.09 18.24 -16.04
CA GLU A 60 28.34 18.54 -17.25
C GLU A 60 26.83 18.55 -16.96
N GLU A 61 26.37 17.57 -16.18
CA GLU A 61 24.98 17.48 -15.79
C GLU A 61 24.60 18.62 -14.84
N VAL A 62 25.50 18.97 -13.91
CA VAL A 62 25.25 20.07 -12.99
C VAL A 62 25.13 21.39 -13.75
N THR A 63 26.05 21.60 -14.71
CA THR A 63 26.06 22.77 -15.59
C THR A 63 24.75 22.85 -16.38
N GLY A 64 24.29 21.70 -16.88
CA GLY A 64 23.01 21.63 -17.58
C GLY A 64 21.84 22.13 -16.74
N TYR A 65 21.82 21.82 -15.44
CA TYR A 65 20.77 22.29 -14.53
C TYR A 65 20.91 23.78 -14.24
N GLN A 66 22.16 24.23 -14.07
CA GLN A 66 22.48 25.62 -13.81
C GLN A 66 22.12 26.53 -14.98
N ARG A 67 22.18 26.01 -16.23
CA ARG A 67 21.84 26.78 -17.42
C ARG A 67 20.31 26.89 -17.63
N LYS A 68 19.51 25.99 -17.02
CA LYS A 68 18.04 26.03 -17.16
C LYS A 68 17.47 27.35 -16.67
N SER A 69 16.31 27.80 -17.21
CA SER A 69 15.72 29.01 -16.71
C SER A 69 15.16 28.77 -15.29
N MET A 70 15.01 29.84 -14.51
CA MET A 70 14.42 29.74 -13.18
C MET A 70 12.95 29.21 -13.29
N TRP A 71 12.26 29.53 -14.39
CA TRP A 71 10.91 29.07 -14.63
C TRP A 71 10.87 27.53 -14.82
N GLU A 72 11.80 26.97 -15.59
CA GLU A 72 11.88 25.54 -15.78
C GLU A 72 12.21 24.83 -14.46
N MET A 73 13.21 25.33 -13.67
CA MET A 73 13.55 24.75 -12.38
C MET A 73 12.37 24.83 -11.42
N TRP A 74 11.64 25.95 -11.44
CA TRP A 74 10.46 26.10 -10.61
C TRP A 74 9.39 25.07 -11.02
N GLU A 75 9.16 24.86 -12.33
CA GLU A 75 8.17 23.88 -12.78
C GLU A 75 8.52 22.45 -12.34
N ARG A 76 9.79 22.04 -12.48
CA ARG A 76 10.24 20.72 -12.06
C ARG A 76 10.07 20.54 -10.55
N CYS A 77 10.60 21.49 -9.75
CA CYS A 77 10.53 21.44 -8.30
C CYS A 77 9.13 21.51 -7.75
N ALA A 78 8.28 22.37 -8.33
CA ALA A 78 6.88 22.48 -7.90
C ALA A 78 6.13 21.17 -8.20
N HIS A 79 6.45 20.52 -9.32
CA HIS A 79 5.87 19.25 -9.69
C HIS A 79 6.30 18.19 -8.65
N HIS A 80 7.61 18.07 -8.35
CA HIS A 80 8.09 17.09 -7.37
C HIS A 80 7.49 17.35 -5.97
N LEU A 81 7.32 18.64 -5.63
CA LEU A 81 6.75 19.01 -4.36
C LEU A 81 5.27 18.63 -4.26
N THR A 82 4.49 18.85 -5.32
CA THR A 82 3.08 18.47 -5.39
C THR A 82 2.91 16.95 -5.26
N GLU A 83 3.74 16.19 -5.98
CA GLU A 83 3.72 14.75 -5.90
C GLU A 83 4.04 14.28 -4.46
N ALA A 84 5.08 14.85 -3.80
CA ALA A 84 5.48 14.52 -2.41
C ALA A 84 4.38 14.85 -1.39
N ILE A 85 3.67 15.95 -1.61
CA ILE A 85 2.55 16.35 -0.75
C ILE A 85 1.35 15.38 -0.86
N GLN A 86 1.12 14.77 -2.03
CA GLN A 86 0.04 13.79 -2.18
C GLN A 86 0.25 12.55 -1.27
N TYR A 87 1.50 12.15 -1.11
CA TYR A 87 1.84 11.04 -0.24
C TYR A 87 1.67 11.40 1.24
N VAL A 88 1.94 12.66 1.60
CA VAL A 88 1.77 13.16 2.96
C VAL A 88 0.28 13.22 3.30
N VAL A 89 -0.57 13.65 2.34
CA VAL A 89 -2.01 13.67 2.55
C VAL A 89 -2.51 12.24 2.82
N GLU A 90 -1.98 11.26 2.07
CA GLU A 90 -2.34 9.85 2.22
C GLU A 90 -1.86 9.31 3.57
N PHE A 91 -0.69 9.75 4.03
CA PHE A 91 -0.16 9.40 5.35
C PHE A 91 -1.14 9.89 6.44
N ALA A 92 -1.60 11.16 6.35
CA ALA A 92 -2.56 11.73 7.27
C ALA A 92 -3.89 10.99 7.23
N LYS A 93 -4.42 10.69 6.02
CA LYS A 93 -5.69 9.97 5.87
C LYS A 93 -5.66 8.57 6.48
N ARG A 94 -4.47 7.98 6.63
CA ARG A 94 -4.34 6.66 7.23
C ARG A 94 -4.09 6.69 8.72
N LEU A 95 -4.07 7.86 9.36
CA LEU A 95 -3.91 7.93 10.81
C LEU A 95 -5.34 8.02 11.35
N SER A 96 -5.77 7.00 12.11
CA SER A 96 -7.14 6.97 12.60
C SER A 96 -7.45 8.15 13.50
N GLY A 97 -6.45 8.62 14.27
CA GLY A 97 -6.57 9.80 15.11
C GLY A 97 -6.87 11.03 14.27
N PHE A 98 -6.17 11.20 13.15
CA PHE A 98 -6.38 12.34 12.25
C PHE A 98 -7.77 12.31 11.65
N MET A 99 -8.25 11.12 11.26
CA MET A 99 -9.56 10.97 10.65
C MET A 99 -10.72 11.20 11.64
N GLU A 100 -10.45 11.13 12.96
CA GLU A 100 -11.46 11.47 13.98
C GLU A 100 -11.61 13.00 14.14
N LEU A 101 -10.70 13.81 13.58
CA LEU A 101 -10.79 15.27 13.67
C LEU A 101 -11.83 15.81 12.72
N CYS A 102 -12.33 17.04 12.97
CA CYS A 102 -13.32 17.65 12.09
C CYS A 102 -12.69 18.07 10.76
N GLN A 103 -13.51 18.23 9.73
CA GLN A 103 -13.05 18.58 8.39
C GLN A 103 -12.20 19.86 8.38
N ASN A 104 -12.61 20.87 9.15
CA ASN A 104 -11.86 22.12 9.23
C ASN A 104 -10.43 21.88 9.74
N ASP A 105 -10.30 21.12 10.83
CA ASP A 105 -9.03 20.82 11.45
C ASP A 105 -8.14 19.95 10.58
N GLN A 106 -8.73 19.01 9.83
CA GLN A 106 -7.97 18.18 8.89
C GLN A 106 -7.34 19.08 7.81
N ILE A 107 -8.11 20.02 7.24
CA ILE A 107 -7.61 20.97 6.24
C ILE A 107 -6.52 21.86 6.86
N VAL A 108 -6.79 22.41 8.05
CA VAL A 108 -5.86 23.30 8.74
C VAL A 108 -4.50 22.61 8.98
N LEU A 109 -4.53 21.37 9.49
CA LEU A 109 -3.30 20.64 9.78
C LEU A 109 -2.52 20.32 8.52
N LEU A 110 -3.21 19.90 7.44
CA LEU A 110 -2.54 19.58 6.19
C LEU A 110 -1.96 20.80 5.50
N LYS A 111 -2.73 21.91 5.46
CA LYS A 111 -2.26 23.14 4.83
C LYS A 111 -1.05 23.70 5.54
N ALA A 112 -1.02 23.60 6.87
CA ALA A 112 0.10 24.13 7.65
C ALA A 112 1.28 23.17 7.77
N GLY A 113 1.03 21.87 7.73
CA GLY A 113 2.08 20.88 7.98
C GLY A 113 2.65 20.04 6.85
N ALA A 114 1.92 19.91 5.71
CA ALA A 114 2.36 19.07 4.58
C ALA A 114 3.76 19.36 4.12
N MET A 115 4.10 20.62 3.95
CA MET A 115 5.41 21.06 3.50
C MET A 115 6.49 20.75 4.56
N GLU A 116 6.18 20.99 5.84
CA GLU A 116 7.11 20.67 6.92
C GLU A 116 7.42 19.13 6.95
N VAL A 117 6.38 18.28 6.70
CA VAL A 117 6.52 16.83 6.67
C VAL A 117 7.43 16.44 5.53
N VAL A 118 7.24 17.04 4.34
CA VAL A 118 8.09 16.78 3.19
C VAL A 118 9.55 17.14 3.50
N LEU A 119 9.77 18.21 4.23
CA LEU A 119 11.09 18.65 4.64
C LEU A 119 11.77 17.62 5.57
N VAL A 120 11.02 17.03 6.49
CA VAL A 120 11.56 15.98 7.35
C VAL A 120 11.87 14.72 6.51
N ARG A 121 10.90 14.30 5.65
CA ARG A 121 11.08 13.14 4.77
C ARG A 121 12.33 13.26 3.90
N MET A 122 12.67 14.49 3.46
CA MET A 122 13.86 14.75 2.63
C MET A 122 15.15 14.23 3.22
N CYS A 123 15.29 14.20 4.56
CA CYS A 123 16.57 13.79 5.18
C CYS A 123 16.98 12.38 4.77
N ARG A 124 15.98 11.50 4.48
CA ARG A 124 16.30 10.13 4.03
C ARG A 124 16.96 10.11 2.64
N ALA A 125 16.72 11.16 1.81
CA ALA A 125 17.30 11.32 0.47
C ALA A 125 18.55 12.18 0.48
N TYR A 126 19.05 12.60 1.66
CA TYR A 126 20.21 13.45 1.81
C TYR A 126 21.43 12.64 2.29
N ASN A 127 22.56 12.83 1.62
CA ASN A 127 23.80 12.16 1.98
C ASN A 127 24.69 13.17 2.71
N ALA A 128 24.81 13.02 4.02
CA ALA A 128 25.64 13.91 4.83
C ALA A 128 27.15 13.75 4.61
N ASP A 129 27.59 12.65 3.97
CA ASP A 129 29.01 12.45 3.72
C ASP A 129 29.55 13.45 2.70
N ASN A 130 28.76 13.77 1.65
CA ASN A 130 29.21 14.70 0.62
C ASN A 130 28.27 15.90 0.41
N ARG A 131 27.26 16.09 1.29
CA ARG A 131 26.28 17.18 1.22
C ARG A 131 25.51 17.20 -0.11
N THR A 132 24.98 16.05 -0.52
CA THR A 132 24.19 15.93 -1.75
C THR A 132 22.80 15.39 -1.46
N VAL A 133 21.87 15.64 -2.37
CA VAL A 133 20.49 15.19 -2.22
C VAL A 133 20.05 14.44 -3.49
N PHE A 134 19.16 13.45 -3.36
CA PHE A 134 18.65 12.72 -4.50
C PHE A 134 17.66 13.63 -5.22
N PHE A 135 17.93 13.91 -6.49
CA PHE A 135 17.10 14.80 -7.28
C PHE A 135 17.02 14.28 -8.69
N GLU A 136 15.84 13.91 -9.16
CA GLU A 136 15.64 13.44 -10.53
C GLU A 136 16.62 12.35 -10.98
N GLY A 137 16.79 11.31 -10.16
CA GLY A 137 17.60 10.16 -10.56
C GLY A 137 19.03 10.07 -10.05
N LYS A 138 19.64 11.20 -9.66
CA LYS A 138 21.02 11.18 -9.17
C LYS A 138 21.19 12.11 -7.94
N TYR A 139 22.35 12.06 -7.30
CA TYR A 139 22.66 12.90 -6.17
C TYR A 139 23.44 14.12 -6.61
N GLY A 140 23.07 15.27 -6.06
CA GLY A 140 23.74 16.52 -6.39
C GLY A 140 23.78 17.50 -5.24
N GLY A 141 24.73 18.43 -5.28
CA GLY A 141 24.88 19.45 -4.27
C GLY A 141 23.89 20.58 -4.43
N MET A 142 23.96 21.58 -3.55
CA MET A 142 23.02 22.69 -3.61
C MET A 142 23.19 23.57 -4.85
N GLU A 143 24.37 23.51 -5.50
CA GLU A 143 24.65 24.26 -6.70
C GLU A 143 23.80 23.77 -7.91
N LEU A 144 23.17 22.59 -7.80
CA LEU A 144 22.25 22.06 -8.79
C LEU A 144 21.04 23.04 -8.96
N PHE A 145 20.67 23.73 -7.88
CA PHE A 145 19.52 24.60 -7.83
C PHE A 145 19.82 26.09 -8.03
N ARG A 146 21.03 26.42 -8.47
CA ARG A 146 21.50 27.78 -8.68
C ARG A 146 20.57 28.69 -9.54
N ALA A 147 20.01 28.14 -10.63
CA ALA A 147 19.12 28.95 -11.50
C ALA A 147 17.90 29.49 -10.78
N LEU A 148 17.45 28.85 -9.67
CA LEU A 148 16.31 29.37 -8.90
C LEU A 148 16.59 30.73 -8.26
N GLY A 149 17.85 31.02 -7.95
CA GLY A 149 18.22 32.26 -7.29
C GLY A 149 17.69 32.37 -5.87
N CYS A 150 17.67 31.24 -5.13
CA CYS A 150 17.16 31.04 -3.76
C CYS A 150 18.27 30.46 -2.88
N SER A 151 19.54 30.81 -3.10
CA SER A 151 20.64 30.17 -2.39
C SER A 151 20.52 30.15 -0.86
N GLU A 152 19.90 31.16 -0.23
CA GLU A 152 19.71 31.16 1.22
C GLU A 152 18.67 30.11 1.62
N LEU A 153 17.54 30.02 0.89
CA LEU A 153 16.53 29.01 1.12
C LEU A 153 17.12 27.59 0.90
N ILE A 154 17.80 27.35 -0.23
CA ILE A 154 18.39 26.05 -0.54
C ILE A 154 19.40 25.62 0.54
N SER A 155 20.22 26.56 1.00
CA SER A 155 21.19 26.37 2.06
C SER A 155 20.50 25.93 3.36
N SER A 156 19.40 26.61 3.71
CA SER A 156 18.65 26.30 4.91
C SER A 156 18.04 24.91 4.84
N ILE A 157 17.52 24.50 3.68
CA ILE A 157 16.93 23.19 3.50
C ILE A 157 18.02 22.11 3.68
N PHE A 158 19.19 22.32 3.05
CA PHE A 158 20.31 21.40 3.16
C PHE A 158 20.80 21.30 4.61
N ASP A 159 20.88 22.42 5.33
CA ASP A 159 21.31 22.44 6.73
C ASP A 159 20.34 21.68 7.60
N PHE A 160 19.03 21.90 7.40
CA PHE A 160 18.04 21.18 8.18
C PHE A 160 18.14 19.66 7.93
N SER A 161 18.28 19.25 6.66
CA SER A 161 18.41 17.84 6.31
C SER A 161 19.67 17.26 6.91
N HIS A 162 20.79 18.01 6.84
CA HIS A 162 22.05 17.60 7.42
C HIS A 162 21.92 17.35 8.92
N SER A 163 21.19 18.20 9.64
CA SER A 163 21.01 18.04 11.07
C SER A 163 20.27 16.75 11.44
N LEU A 164 19.39 16.23 10.56
CA LEU A 164 18.69 14.97 10.83
C LEU A 164 19.45 13.78 10.27
N SER A 165 20.05 13.95 9.09
CA SER A 165 20.83 12.94 8.39
C SER A 165 22.10 12.57 9.17
N ALA A 166 22.73 13.53 9.87
CA ALA A 166 23.91 13.26 10.70
C ALA A 166 23.57 12.40 11.93
N LEU A 167 22.29 12.36 12.34
CA LEU A 167 21.80 11.53 13.42
C LEU A 167 21.40 10.13 12.90
N HIS A 168 21.52 9.85 11.57
CA HIS A 168 21.09 8.60 10.92
C HIS A 168 19.62 8.34 11.22
N PHE A 169 18.80 9.40 11.12
CA PHE A 169 17.36 9.37 11.37
C PHE A 169 16.70 8.22 10.61
N SER A 170 16.15 7.26 11.33
CA SER A 170 15.58 6.06 10.75
C SER A 170 14.17 6.27 10.19
N GLU A 171 13.67 5.28 9.43
CA GLU A 171 12.32 5.26 8.88
C GLU A 171 11.22 5.37 9.92
N ASP A 172 11.35 4.66 11.06
CA ASP A 172 10.32 4.76 12.13
C ASP A 172 10.43 6.09 12.87
N GLU A 173 11.62 6.67 12.97
CA GLU A 173 11.80 7.98 13.58
C GLU A 173 11.16 9.05 12.68
N ILE A 174 11.30 8.93 11.35
CA ILE A 174 10.66 9.83 10.42
C ILE A 174 9.13 9.66 10.52
N ALA A 175 8.65 8.41 10.63
CA ALA A 175 7.21 8.16 10.74
C ALA A 175 6.60 8.85 11.97
N LEU A 176 7.22 8.65 13.15
CA LEU A 176 6.72 9.18 14.40
C LEU A 176 6.92 10.71 14.49
N TYR A 177 8.07 11.18 14.04
CA TYR A 177 8.36 12.60 14.06
C TYR A 177 7.43 13.38 13.13
N THR A 178 7.20 12.88 11.89
CA THR A 178 6.29 13.55 10.94
C THR A 178 4.83 13.51 11.39
N ALA A 179 4.44 12.47 12.13
CA ALA A 179 3.09 12.43 12.69
C ALA A 179 2.94 13.63 13.69
N LEU A 180 4.00 13.90 14.49
CA LEU A 180 4.07 15.00 15.46
C LEU A 180 4.13 16.33 14.76
N VAL A 181 4.80 16.44 13.63
CA VAL A 181 4.84 17.66 12.85
C VAL A 181 3.42 18.01 12.36
N LEU A 182 2.70 17.01 11.88
CA LEU A 182 1.36 17.17 11.38
C LEU A 182 0.32 17.43 12.50
N ILE A 183 0.35 16.65 13.58
CA ILE A 183 -0.60 16.83 14.67
C ILE A 183 -0.03 17.87 15.67
N ASN A 184 -0.27 19.15 15.38
CA ASN A 184 0.20 20.29 16.13
C ASN A 184 -1.02 21.13 16.58
N ALA A 185 -1.31 21.13 17.88
CA ALA A 185 -2.46 21.85 18.45
C ALA A 185 -2.35 23.37 18.37
N HIS A 186 -1.14 23.90 18.09
CA HIS A 186 -0.86 25.34 17.98
C HIS A 186 -1.14 25.95 16.63
N ARG A 187 -1.47 25.15 15.59
CA ARG A 187 -1.76 25.72 14.27
C ARG A 187 -2.96 26.66 14.34
N PRO A 188 -2.82 27.88 13.82
CA PRO A 188 -3.95 28.83 13.85
C PRO A 188 -5.14 28.32 13.06
N GLY A 189 -6.35 28.58 13.53
CA GLY A 189 -7.56 28.16 12.82
C GLY A 189 -8.20 26.87 13.27
N LEU A 190 -7.59 26.14 14.23
CA LEU A 190 -8.14 24.87 14.75
C LEU A 190 -9.39 25.12 15.59
N GLN A 191 -10.47 24.40 15.28
CA GLN A 191 -11.74 24.46 16.00
C GLN A 191 -11.73 23.55 17.23
N GLU A 192 -11.01 22.42 17.18
CA GLU A 192 -10.93 21.53 18.34
C GLU A 192 -9.47 21.37 18.82
N LYS A 193 -8.80 22.49 19.17
CA LYS A 193 -7.40 22.49 19.66
C LYS A 193 -7.09 21.40 20.69
N ARG A 194 -7.99 21.20 21.67
CA ARG A 194 -7.84 20.23 22.76
C ARG A 194 -7.90 18.78 22.31
N LYS A 195 -8.66 18.50 21.24
CA LYS A 195 -8.71 17.16 20.64
C LYS A 195 -7.37 16.92 19.92
N VAL A 196 -6.86 17.92 19.19
CA VAL A 196 -5.58 17.83 18.51
C VAL A 196 -4.45 17.64 19.52
N GLU A 197 -4.53 18.36 20.65
CA GLU A 197 -3.53 18.25 21.70
C GLU A 197 -3.45 16.88 22.36
N GLN A 198 -4.61 16.23 22.60
CA GLN A 198 -4.62 14.89 23.17
C GLN A 198 -3.92 13.92 22.18
N LEU A 199 -4.24 14.04 20.88
CA LEU A 199 -3.61 13.19 19.88
C LEU A 199 -2.09 13.47 19.79
N GLN A 200 -1.70 14.74 19.85
CA GLN A 200 -0.30 15.16 19.87
C GLN A 200 0.47 14.58 21.09
N TYR A 201 -0.14 14.67 22.29
CA TYR A 201 0.48 14.17 23.53
C TYR A 201 0.69 12.67 23.42
N ASN A 202 -0.31 11.95 22.91
CA ASN A 202 -0.23 10.50 22.70
C ASN A 202 0.89 10.18 21.72
N LEU A 203 1.00 10.95 20.61
CA LEU A 203 2.07 10.72 19.65
C LEU A 203 3.44 10.99 20.24
N GLU A 204 3.56 11.96 21.18
CA GLU A 204 4.84 12.24 21.85
C GLU A 204 5.21 11.06 22.74
N LEU A 205 4.23 10.46 23.44
CA LEU A 205 4.50 9.28 24.26
C LEU A 205 4.97 8.12 23.36
N ALA A 206 4.29 7.91 22.20
CA ALA A 206 4.67 6.86 21.27
C ALA A 206 6.10 7.08 20.75
N PHE A 207 6.44 8.34 20.42
CA PHE A 207 7.77 8.68 19.93
C PHE A 207 8.84 8.37 20.97
N HIS A 208 8.67 8.86 22.21
CA HIS A 208 9.64 8.64 23.29
C HIS A 208 9.76 7.14 23.62
N HIS A 209 8.63 6.39 23.65
CA HIS A 209 8.58 4.95 23.93
C HIS A 209 9.39 4.18 22.88
N HIS A 210 9.22 4.54 21.61
CA HIS A 210 9.96 3.88 20.54
C HIS A 210 11.45 4.17 20.63
N LEU A 211 11.81 5.42 20.97
CA LEU A 211 13.22 5.78 21.12
C LEU A 211 13.88 5.01 22.27
N CYS A 212 13.15 4.73 23.36
CA CYS A 212 13.68 3.94 24.48
C CYS A 212 13.90 2.49 24.09
N LYS A 213 12.93 1.87 23.38
CA LYS A 213 13.09 0.49 22.95
C LYS A 213 14.26 0.26 21.99
N THR A 214 14.66 1.30 21.25
CA THR A 214 15.78 1.18 20.31
C THR A 214 17.06 1.84 20.80
N HIS A 215 17.10 2.32 22.07
CA HIS A 215 18.27 2.97 22.69
C HIS A 215 18.69 4.19 21.90
N ARG A 216 17.70 4.97 21.49
CA ARG A 216 17.92 6.18 20.70
C ARG A 216 17.46 7.45 21.41
N GLN A 217 17.16 7.40 22.74
CA GLN A 217 16.73 8.55 23.56
C GLN A 217 17.71 9.71 23.45
N SER A 218 18.99 9.42 23.23
CA SER A 218 20.05 10.41 23.12
C SER A 218 19.90 11.34 21.90
N ILE A 219 19.01 11.02 20.94
CA ILE A 219 18.79 11.91 19.79
C ILE A 219 17.87 13.09 20.14
N LEU A 220 17.05 12.98 21.20
CA LEU A 220 16.09 14.00 21.63
C LEU A 220 16.73 15.36 21.87
N ALA A 221 17.92 15.35 22.48
CA ALA A 221 18.70 16.55 22.78
C ALA A 221 19.43 17.11 21.55
N LYS A 222 19.55 16.33 20.49
CA LYS A 222 20.21 16.74 19.25
C LYS A 222 19.23 17.07 18.13
N LEU A 223 17.92 16.82 18.34
CA LEU A 223 16.88 17.08 17.36
C LEU A 223 16.66 18.57 17.19
N PRO A 224 16.26 19.01 16.00
CA PRO A 224 16.01 20.45 15.79
C PRO A 224 14.91 21.00 16.72
N PRO A 225 15.10 22.23 17.22
CA PRO A 225 14.09 22.84 18.11
C PRO A 225 12.68 22.81 17.53
N LYS A 226 11.67 22.80 18.42
CA LYS A 226 10.25 22.75 18.09
C LYS A 226 9.83 23.49 16.79
N GLY A 227 9.88 24.82 16.78
CA GLY A 227 9.47 25.66 15.66
C GLY A 227 10.51 25.99 14.60
N LYS A 228 11.57 25.18 14.47
CA LYS A 228 12.58 25.42 13.43
C LYS A 228 11.98 25.13 12.05
N LEU A 229 11.17 24.08 11.95
CA LEU A 229 10.46 23.70 10.73
C LEU A 229 9.47 24.80 10.34
N ARG A 230 8.72 25.28 11.32
CA ARG A 230 7.73 26.32 11.14
C ARG A 230 8.37 27.59 10.61
N SER A 231 9.52 28.01 11.18
CA SER A 231 10.17 29.22 10.71
C SER A 231 10.85 29.04 9.36
N LEU A 232 11.38 27.84 9.09
CA LEU A 232 11.99 27.54 7.81
C LEU A 232 10.93 27.52 6.72
N CYS A 233 9.76 26.94 6.98
CA CYS A 233 8.70 26.83 5.98
C CYS A 233 7.83 28.08 5.87
N SER A 234 7.95 29.03 6.81
CA SER A 234 7.21 30.29 6.71
C SER A 234 8.15 31.40 6.22
N ALA B 22 -25.39 3.34 8.28
CA ALA B 22 -24.40 3.97 7.41
C ALA B 22 -25.10 5.01 6.53
N SER B 23 -24.50 6.20 6.41
CA SER B 23 -25.10 7.22 5.57
C SER B 23 -24.85 6.92 4.08
N LEU B 24 -25.59 7.59 3.19
CA LEU B 24 -25.39 7.43 1.75
C LEU B 24 -23.93 7.86 1.39
N THR B 25 -23.43 8.92 2.05
CA THR B 25 -22.07 9.43 1.83
C THR B 25 -21.04 8.42 2.34
N GLU B 26 -21.33 7.74 3.48
CA GLU B 26 -20.44 6.75 4.06
C GLU B 26 -20.32 5.51 3.17
N ILE B 27 -21.42 5.11 2.54
CA ILE B 27 -21.41 3.98 1.62
C ILE B 27 -20.63 4.33 0.33
N GLU B 28 -20.64 5.60 -0.10
CA GLU B 28 -19.84 5.99 -1.27
C GLU B 28 -18.36 5.95 -0.89
N HIS B 29 -18.02 6.48 0.29
CA HIS B 29 -16.68 6.45 0.83
C HIS B 29 -16.19 5.00 0.98
N LEU B 30 -17.03 4.08 1.41
CA LEU B 30 -16.68 2.68 1.59
C LEU B 30 -16.37 2.02 0.23
N VAL B 31 -17.13 2.33 -0.85
CA VAL B 31 -16.87 1.84 -2.20
C VAL B 31 -15.46 2.32 -2.62
N GLN B 32 -15.20 3.63 -2.45
CA GLN B 32 -13.93 4.24 -2.82
C GLN B 32 -12.77 3.70 -2.03
N SER B 33 -12.98 3.50 -0.75
CA SER B 33 -11.97 2.99 0.16
C SER B 33 -11.61 1.50 -0.17
N VAL B 34 -12.62 0.66 -0.44
CA VAL B 34 -12.38 -0.74 -0.81
C VAL B 34 -11.62 -0.80 -2.14
N CYS B 35 -12.07 0.02 -3.10
CA CYS B 35 -11.41 0.05 -4.42
C CYS B 35 -10.00 0.61 -4.37
N LYS B 36 -9.73 1.56 -3.44
CA LYS B 36 -8.41 2.16 -3.27
C LYS B 36 -7.47 1.11 -2.70
N SER B 37 -7.91 0.37 -1.66
CA SER B 37 -7.13 -0.70 -1.04
C SER B 37 -6.79 -1.78 -2.09
N TYR B 38 -7.76 -2.11 -2.95
CA TYR B 38 -7.56 -3.09 -3.99
C TYR B 38 -6.53 -2.59 -5.00
N ARG B 39 -6.67 -1.36 -5.47
CA ARG B 39 -5.78 -0.78 -6.46
C ARG B 39 -4.33 -0.77 -5.96
N GLU B 40 -4.10 -0.48 -4.66
CA GLU B 40 -2.76 -0.48 -4.08
C GLU B 40 -2.16 -1.87 -3.91
N THR B 41 -3.00 -2.91 -3.91
CA THR B 41 -2.57 -4.26 -3.63
C THR B 41 -2.95 -5.26 -4.74
N CYS B 42 -3.29 -4.79 -5.94
CA CYS B 42 -3.73 -5.67 -7.03
C CYS B 42 -2.59 -6.47 -7.68
N GLN B 43 -1.33 -6.28 -7.22
CA GLN B 43 -0.14 -7.04 -7.59
C GLN B 43 0.38 -6.83 -9.04
N LEU B 44 -0.48 -6.96 -10.05
CA LEU B 44 -0.15 -6.82 -11.47
C LEU B 44 -1.10 -5.78 -12.08
N ARG B 45 -0.60 -4.95 -12.97
CA ARG B 45 -1.42 -3.93 -13.63
C ARG B 45 -2.32 -4.61 -14.65
N LEU B 46 -3.61 -4.28 -14.67
CA LEU B 46 -4.57 -4.85 -15.63
C LEU B 46 -4.12 -4.63 -17.08
N GLU B 47 -3.62 -3.45 -17.38
CA GLU B 47 -3.20 -3.05 -18.72
C GLU B 47 -2.03 -3.93 -19.22
N ASP B 48 -1.12 -4.31 -18.32
CA ASP B 48 -0.02 -5.20 -18.64
C ASP B 48 -0.54 -6.63 -18.90
N LEU B 49 -1.52 -7.10 -18.10
CA LEU B 49 -2.12 -8.42 -18.29
C LEU B 49 -2.86 -8.46 -19.64
N LEU B 50 -3.58 -7.38 -19.98
CA LEU B 50 -4.34 -7.35 -21.23
C LEU B 50 -3.43 -7.22 -22.45
N ARG B 51 -2.34 -6.49 -22.34
CA ARG B 51 -1.38 -6.32 -23.42
C ARG B 51 -0.66 -7.65 -23.70
N GLN B 52 -0.34 -8.41 -22.64
CA GLN B 52 0.34 -9.68 -22.76
C GLN B 52 -0.53 -10.81 -23.27
N ARG B 53 -1.83 -10.59 -23.53
CA ARG B 53 -2.73 -11.65 -24.03
C ARG B 53 -2.23 -12.30 -25.31
N SER B 54 -1.59 -11.51 -26.17
CA SER B 54 -1.04 -11.99 -27.43
C SER B 54 0.29 -12.76 -27.28
N ASN B 55 0.93 -12.68 -26.11
CA ASN B 55 2.19 -13.35 -25.84
C ASN B 55 1.88 -14.74 -25.26
N ILE B 56 1.74 -15.73 -26.13
CA ILE B 56 1.37 -17.08 -25.73
C ILE B 56 2.54 -18.02 -25.79
N PHE B 57 2.69 -18.93 -24.79
CA PHE B 57 3.75 -19.93 -24.80
C PHE B 57 3.72 -20.80 -26.07
N SER B 58 4.87 -21.03 -26.68
CA SER B 58 4.98 -21.91 -27.85
C SER B 58 4.89 -23.38 -27.39
N ARG B 59 4.74 -24.34 -28.34
CA ARG B 59 4.70 -25.77 -28.00
C ARG B 59 5.97 -26.21 -27.28
N GLU B 60 7.10 -25.64 -27.67
CA GLU B 60 8.40 -25.95 -27.09
C GLU B 60 8.45 -25.50 -25.62
N GLU B 61 7.92 -24.31 -25.34
CA GLU B 61 7.86 -23.78 -23.99
C GLU B 61 6.88 -24.60 -23.14
N VAL B 62 5.75 -25.01 -23.73
CA VAL B 62 4.77 -25.82 -23.00
C VAL B 62 5.39 -27.18 -22.63
N THR B 63 6.08 -27.81 -23.60
CA THR B 63 6.79 -29.07 -23.39
C THR B 63 7.84 -28.92 -22.27
N GLY B 64 8.57 -27.80 -22.28
CA GLY B 64 9.53 -27.49 -21.22
C GLY B 64 8.92 -27.51 -19.82
N TYR B 65 7.68 -26.97 -19.67
CA TYR B 65 6.96 -26.96 -18.41
C TYR B 65 6.47 -28.35 -18.04
N GLN B 66 5.98 -29.09 -19.04
CA GLN B 66 5.47 -30.44 -18.87
C GLN B 66 6.59 -31.42 -18.46
N ARG B 67 7.85 -31.16 -18.88
CA ARG B 67 8.97 -32.02 -18.50
C ARG B 67 9.49 -31.74 -17.07
N LYS B 68 9.18 -30.56 -16.51
CA LYS B 68 9.63 -30.22 -15.15
C LYS B 68 9.10 -31.20 -14.12
N SER B 69 9.86 -31.36 -13.05
CA SER B 69 9.39 -32.22 -11.94
C SER B 69 8.10 -31.66 -11.32
N MET B 70 7.24 -32.51 -10.75
CA MET B 70 6.07 -32.06 -10.01
C MET B 70 6.55 -31.23 -8.78
N TRP B 71 7.76 -31.49 -8.24
CA TRP B 71 8.33 -30.72 -7.15
C TRP B 71 8.76 -29.33 -7.62
N GLU B 72 9.21 -29.19 -8.88
CA GLU B 72 9.61 -27.92 -9.46
C GLU B 72 8.34 -27.09 -9.64
N MET B 73 7.30 -27.70 -10.26
CA MET B 73 6.05 -27.01 -10.47
C MET B 73 5.40 -26.64 -9.16
N TRP B 74 5.44 -27.50 -8.17
CA TRP B 74 4.90 -27.20 -6.85
C TRP B 74 5.69 -26.06 -6.21
N GLU B 75 7.03 -26.06 -6.28
CA GLU B 75 7.82 -24.95 -5.74
C GLU B 75 7.51 -23.60 -6.40
N ARG B 76 7.41 -23.56 -7.74
CA ARG B 76 7.06 -22.34 -8.47
C ARG B 76 5.65 -21.87 -8.08
N CYS B 77 4.65 -22.75 -8.17
CA CYS B 77 3.28 -22.41 -7.86
C CYS B 77 3.05 -22.04 -6.40
N ALA B 78 3.67 -22.76 -5.45
CA ALA B 78 3.55 -22.43 -4.04
C ALA B 78 4.19 -21.06 -3.77
N HIS B 79 5.29 -20.72 -4.47
CA HIS B 79 5.91 -19.41 -4.35
C HIS B 79 4.93 -18.35 -4.88
N HIS B 80 4.38 -18.53 -6.10
CA HIS B 80 3.44 -17.55 -6.66
C HIS B 80 2.18 -17.43 -5.79
N LEU B 81 1.73 -18.51 -5.15
CA LEU B 81 0.55 -18.48 -4.30
C LEU B 81 0.84 -17.75 -3.00
N THR B 82 1.99 -17.98 -2.43
CA THR B 82 2.43 -17.27 -1.22
C THR B 82 2.54 -15.76 -1.52
N GLU B 83 3.15 -15.39 -2.63
CA GLU B 83 3.21 -13.99 -3.04
C GLU B 83 1.78 -13.38 -3.23
N ALA B 84 0.89 -14.09 -3.96
CA ALA B 84 -0.46 -13.59 -4.19
C ALA B 84 -1.22 -13.43 -2.87
N ILE B 85 -1.02 -14.32 -1.90
CA ILE B 85 -1.64 -14.23 -0.58
C ILE B 85 -1.09 -13.03 0.23
N GLN B 86 0.18 -12.64 0.05
CA GLN B 86 0.74 -11.47 0.74
C GLN B 86 0.04 -10.18 0.31
N TYR B 87 -0.35 -10.09 -0.98
CA TYR B 87 -1.07 -8.94 -1.47
C TYR B 87 -2.51 -8.93 -0.92
N VAL B 88 -3.13 -10.10 -0.70
CA VAL B 88 -4.47 -10.22 -0.13
C VAL B 88 -4.44 -9.79 1.34
N VAL B 89 -3.38 -10.17 2.08
CA VAL B 89 -3.22 -9.72 3.47
C VAL B 89 -3.09 -8.19 3.51
N GLU B 90 -2.35 -7.59 2.56
CA GLU B 90 -2.17 -6.14 2.46
C GLU B 90 -3.49 -5.45 2.10
N PHE B 91 -4.31 -6.08 1.25
CA PHE B 91 -5.65 -5.60 0.90
C PHE B 91 -6.51 -5.54 2.18
N ALA B 92 -6.51 -6.61 2.99
CA ALA B 92 -7.25 -6.68 4.26
C ALA B 92 -6.73 -5.64 5.25
N LYS B 93 -5.40 -5.50 5.39
CA LYS B 93 -4.80 -4.50 6.30
C LYS B 93 -5.16 -3.05 5.94
N ARG B 94 -5.50 -2.78 4.68
CA ARG B 94 -5.90 -1.45 4.27
C ARG B 94 -7.39 -1.21 4.35
N LEU B 95 -8.19 -2.17 4.85
CA LEU B 95 -9.63 -1.95 5.02
C LEU B 95 -9.75 -1.52 6.49
N SER B 96 -10.18 -0.27 6.73
CA SER B 96 -10.24 0.23 8.11
C SER B 96 -11.23 -0.57 8.96
N GLY B 97 -12.30 -1.07 8.33
CA GLY B 97 -13.26 -1.95 8.99
C GLY B 97 -12.60 -3.23 9.48
N PHE B 98 -11.76 -3.85 8.64
CA PHE B 98 -11.05 -5.09 9.00
C PHE B 98 -10.09 -4.85 10.15
N MET B 99 -9.39 -3.70 10.13
CA MET B 99 -8.43 -3.36 11.18
C MET B 99 -9.09 -3.04 12.53
N GLU B 100 -10.40 -2.73 12.55
CA GLU B 100 -11.13 -2.54 13.80
C GLU B 100 -11.52 -3.88 14.45
N LEU B 101 -11.38 -5.02 13.73
CA LEU B 101 -11.71 -6.34 14.28
C LEU B 101 -10.62 -6.83 15.24
N CYS B 102 -10.97 -7.78 16.12
CA CYS B 102 -9.98 -8.33 17.05
C CYS B 102 -8.98 -9.22 16.30
N GLN B 103 -7.79 -9.42 16.89
CA GLN B 103 -6.73 -10.20 16.30
C GLN B 103 -7.19 -11.61 15.91
N ASN B 104 -7.98 -12.27 16.77
CA ASN B 104 -8.48 -13.61 16.47
C ASN B 104 -9.32 -13.60 15.17
N ASP B 105 -10.26 -12.66 15.07
CA ASP B 105 -11.14 -12.54 13.90
C ASP B 105 -10.39 -12.18 12.63
N GLN B 106 -9.36 -11.33 12.73
CA GLN B 106 -8.51 -10.98 11.59
C GLN B 106 -7.84 -12.25 11.05
N ILE B 107 -7.25 -13.08 11.94
CA ILE B 107 -6.60 -14.34 11.57
C ILE B 107 -7.63 -15.31 10.97
N VAL B 108 -8.80 -15.46 11.64
CA VAL B 108 -9.85 -16.36 11.17
C VAL B 108 -10.31 -16.01 9.75
N LEU B 109 -10.56 -14.72 9.48
CA LEU B 109 -11.02 -14.30 8.16
C LEU B 109 -9.96 -14.50 7.09
N LEU B 110 -8.69 -14.17 7.39
CA LEU B 110 -7.61 -14.36 6.44
C LEU B 110 -7.29 -15.83 6.17
N LYS B 111 -7.27 -16.67 7.21
CA LYS B 111 -6.99 -18.10 7.05
C LYS B 111 -8.07 -18.78 6.23
N ALA B 112 -9.32 -18.38 6.42
CA ALA B 112 -10.44 -18.99 5.70
C ALA B 112 -10.65 -18.40 4.30
N GLY B 113 -10.33 -17.12 4.11
CA GLY B 113 -10.63 -16.46 2.85
C GLY B 113 -9.54 -16.08 1.87
N ALA B 114 -8.25 -15.99 2.32
CA ALA B 114 -7.16 -15.56 1.46
C ALA B 114 -7.08 -16.30 0.13
N MET B 115 -7.18 -17.62 0.17
CA MET B 115 -7.11 -18.45 -1.01
C MET B 115 -8.34 -18.21 -1.92
N GLU B 116 -9.54 -18.09 -1.34
CA GLU B 116 -10.74 -17.79 -2.10
C GLU B 116 -10.60 -16.43 -2.85
N VAL B 117 -9.99 -15.41 -2.19
CA VAL B 117 -9.76 -14.10 -2.77
C VAL B 117 -8.82 -14.23 -3.95
N VAL B 118 -7.72 -15.00 -3.79
CA VAL B 118 -6.78 -15.22 -4.87
C VAL B 118 -7.46 -15.87 -6.09
N LEU B 119 -8.33 -16.85 -5.85
CA LEU B 119 -9.07 -17.49 -6.94
C LEU B 119 -9.96 -16.49 -7.70
N VAL B 120 -10.62 -15.53 -7.00
CA VAL B 120 -11.42 -14.50 -7.67
C VAL B 120 -10.50 -13.56 -8.46
N ARG B 121 -9.40 -13.10 -7.82
CA ARG B 121 -8.41 -12.23 -8.48
C ARG B 121 -7.87 -12.83 -9.78
N MET B 122 -7.69 -14.15 -9.83
CA MET B 122 -7.18 -14.84 -11.02
C MET B 122 -7.94 -14.55 -12.29
N CYS B 123 -9.27 -14.30 -12.20
CA CYS B 123 -10.08 -14.10 -13.43
C CYS B 123 -9.57 -12.97 -14.29
N ARG B 124 -8.94 -11.95 -13.68
CA ARG B 124 -8.38 -10.85 -14.45
C ARG B 124 -7.23 -11.31 -15.36
N ALA B 125 -6.48 -12.35 -14.91
CA ALA B 125 -5.35 -12.90 -15.67
C ALA B 125 -5.75 -14.05 -16.59
N TYR B 126 -7.05 -14.31 -16.75
CA TYR B 126 -7.59 -15.38 -17.55
C TYR B 126 -8.22 -14.82 -18.85
N ASN B 127 -7.85 -15.41 -19.98
CA ASN B 127 -8.39 -15.02 -21.27
C ASN B 127 -9.43 -16.06 -21.70
N ALA B 128 -10.71 -15.67 -21.63
CA ALA B 128 -11.81 -16.53 -22.00
C ALA B 128 -11.91 -16.81 -23.50
N ASP B 129 -11.24 -16.02 -24.35
CA ASP B 129 -11.28 -16.24 -25.79
C ASP B 129 -10.56 -17.53 -26.18
N ASN B 130 -9.43 -17.84 -25.55
CA ASN B 130 -8.67 -19.05 -25.88
C ASN B 130 -8.42 -19.99 -24.70
N ARG B 131 -9.06 -19.74 -23.54
CA ARG B 131 -8.93 -20.54 -22.32
C ARG B 131 -7.47 -20.64 -21.83
N THR B 132 -6.79 -19.50 -21.74
CA THR B 132 -5.41 -19.43 -21.26
C THR B 132 -5.30 -18.52 -20.03
N VAL B 133 -4.25 -18.70 -19.24
CA VAL B 133 -4.01 -17.90 -18.06
C VAL B 133 -2.58 -17.32 -18.10
N PHE B 134 -2.38 -16.11 -17.53
CA PHE B 134 -1.06 -15.51 -17.47
C PHE B 134 -0.27 -16.27 -16.40
N PHE B 135 0.86 -16.83 -16.80
CA PHE B 135 1.70 -17.60 -15.89
C PHE B 135 3.14 -17.35 -16.21
N GLU B 136 3.90 -16.78 -15.28
CA GLU B 136 5.33 -16.54 -15.46
C GLU B 136 5.69 -15.86 -16.79
N GLY B 137 5.02 -14.77 -17.13
CA GLY B 137 5.38 -13.98 -18.31
C GLY B 137 4.59 -14.17 -19.58
N LYS B 138 3.90 -15.32 -19.74
CA LYS B 138 3.12 -15.57 -20.96
C LYS B 138 1.78 -16.26 -20.64
N TYR B 139 0.90 -16.39 -21.63
CA TYR B 139 -0.37 -17.06 -21.47
C TYR B 139 -0.29 -18.49 -21.91
N GLY B 140 -0.90 -19.39 -21.13
CA GLY B 140 -0.89 -20.80 -21.48
C GLY B 140 -2.14 -21.51 -21.03
N GLY B 141 -2.43 -22.64 -21.66
CA GLY B 141 -3.59 -23.46 -21.32
C GLY B 141 -3.33 -24.30 -20.08
N MET B 142 -4.34 -25.10 -19.69
CA MET B 142 -4.21 -25.92 -18.49
C MET B 142 -3.16 -27.03 -18.60
N GLU B 143 -2.77 -27.39 -19.84
CA GLU B 143 -1.74 -28.40 -20.09
C GLU B 143 -0.32 -27.93 -19.64
N LEU B 144 -0.15 -26.64 -19.40
CA LEU B 144 1.07 -26.07 -18.87
C LEU B 144 1.38 -26.69 -17.48
N PHE B 145 0.33 -27.06 -16.73
CA PHE B 145 0.43 -27.57 -15.37
C PHE B 145 0.39 -29.09 -15.24
N ARG B 146 0.51 -29.81 -16.36
CA ARG B 146 0.43 -31.27 -16.44
C ARG B 146 1.36 -32.03 -15.47
N ALA B 147 2.61 -31.58 -15.28
CA ALA B 147 3.54 -32.27 -14.39
C ALA B 147 3.03 -32.38 -12.94
N LEU B 148 2.16 -31.44 -12.51
CA LEU B 148 1.59 -31.51 -11.15
C LEU B 148 0.74 -32.76 -10.94
N GLY B 149 0.09 -33.24 -11.99
CA GLY B 149 -0.78 -34.40 -11.91
C GLY B 149 -2.07 -34.09 -11.21
N CYS B 150 -2.58 -32.87 -11.37
CA CYS B 150 -3.82 -32.42 -10.70
C CYS B 150 -4.78 -31.85 -11.72
N SER B 151 -4.93 -32.50 -12.87
CA SER B 151 -5.76 -32.00 -13.96
C SER B 151 -7.21 -31.70 -13.56
N GLU B 152 -7.79 -32.42 -12.59
CA GLU B 152 -9.15 -32.14 -12.15
C GLU B 152 -9.23 -30.78 -11.41
N LEU B 153 -8.29 -30.52 -10.51
CA LEU B 153 -8.21 -29.28 -9.78
C LEU B 153 -7.95 -28.12 -10.78
N ILE B 154 -6.93 -28.25 -11.65
CA ILE B 154 -6.59 -27.20 -12.63
C ILE B 154 -7.80 -26.87 -13.53
N SER B 155 -8.50 -27.91 -13.96
CA SER B 155 -9.67 -27.78 -14.79
C SER B 155 -10.78 -26.97 -14.06
N SER B 156 -11.01 -27.26 -12.77
CA SER B 156 -11.99 -26.56 -11.95
C SER B 156 -11.63 -25.09 -11.76
N ILE B 157 -10.32 -24.80 -11.59
CA ILE B 157 -9.87 -23.42 -11.43
C ILE B 157 -10.14 -22.64 -12.72
N PHE B 158 -9.82 -23.26 -13.86
CA PHE B 158 -10.05 -22.63 -15.17
C PHE B 158 -11.54 -22.36 -15.39
N ASP B 159 -12.42 -23.32 -15.02
CA ASP B 159 -13.87 -23.15 -15.17
C ASP B 159 -14.39 -22.02 -14.31
N PHE B 160 -13.91 -21.93 -13.06
CA PHE B 160 -14.36 -20.86 -12.17
C PHE B 160 -13.93 -19.50 -12.74
N SER B 161 -12.68 -19.39 -13.23
CA SER B 161 -12.17 -18.16 -13.82
C SER B 161 -12.96 -17.80 -15.05
N HIS B 162 -13.25 -18.78 -15.90
CA HIS B 162 -14.04 -18.59 -17.10
C HIS B 162 -15.43 -18.01 -16.79
N SER B 163 -16.07 -18.48 -15.72
CA SER B 163 -17.39 -18.00 -15.32
C SER B 163 -17.42 -16.49 -14.93
N LEU B 164 -16.30 -15.92 -14.44
CA LEU B 164 -16.23 -14.50 -14.10
C LEU B 164 -15.65 -13.69 -15.28
N SER B 165 -14.68 -14.28 -15.97
CA SER B 165 -14.02 -13.66 -17.11
C SER B 165 -15.02 -13.43 -18.27
N ALA B 166 -15.99 -14.33 -18.42
CA ALA B 166 -17.02 -14.19 -19.45
C ALA B 166 -17.99 -13.04 -19.16
N LEU B 167 -18.08 -12.59 -17.89
CA LEU B 167 -18.87 -11.43 -17.48
C LEU B 167 -18.07 -10.11 -17.62
N HIS B 168 -16.78 -10.18 -18.05
CA HIS B 168 -15.85 -9.04 -18.12
C HIS B 168 -15.76 -8.37 -16.75
N PHE B 169 -15.65 -9.19 -15.70
CA PHE B 169 -15.57 -8.78 -14.29
C PHE B 169 -14.49 -7.67 -14.15
N SER B 170 -14.92 -6.49 -13.78
CA SER B 170 -14.03 -5.34 -13.69
C SER B 170 -13.20 -5.35 -12.39
N GLU B 171 -12.19 -4.49 -12.36
CA GLU B 171 -11.32 -4.26 -11.22
C GLU B 171 -12.07 -3.86 -9.96
N ASP B 172 -13.07 -2.97 -10.07
CA ASP B 172 -13.84 -2.57 -8.87
C ASP B 172 -14.81 -3.67 -8.42
N GLU B 173 -15.31 -4.47 -9.35
CA GLU B 173 -16.18 -5.61 -9.03
C GLU B 173 -15.36 -6.67 -8.29
N ILE B 174 -14.10 -6.90 -8.72
CA ILE B 174 -13.20 -7.82 -8.02
C ILE B 174 -12.93 -7.25 -6.60
N ALA B 175 -12.70 -5.93 -6.50
CA ALA B 175 -12.40 -5.32 -5.22
C ALA B 175 -13.55 -5.52 -4.22
N LEU B 176 -14.79 -5.22 -4.63
CA LEU B 176 -15.95 -5.29 -3.76
C LEU B 176 -16.37 -6.74 -3.48
N TYR B 177 -16.31 -7.58 -4.51
CA TYR B 177 -16.63 -8.97 -4.37
C TYR B 177 -15.65 -9.67 -3.42
N THR B 178 -14.32 -9.44 -3.58
CA THR B 178 -13.30 -10.06 -2.72
C THR B 178 -13.37 -9.52 -1.29
N ALA B 179 -13.80 -8.27 -1.09
CA ALA B 179 -13.99 -7.74 0.26
C ALA B 179 -15.10 -8.56 0.95
N LEU B 180 -16.16 -8.94 0.21
CA LEU B 180 -17.25 -9.77 0.73
C LEU B 180 -16.85 -11.24 0.92
N VAL B 181 -15.96 -11.74 0.07
CA VAL B 181 -15.41 -13.09 0.24
C VAL B 181 -14.63 -13.12 1.58
N LEU B 182 -13.85 -12.08 1.85
CA LEU B 182 -13.07 -11.99 3.06
C LEU B 182 -13.92 -11.68 4.32
N ILE B 183 -14.76 -10.64 4.31
CA ILE B 183 -15.55 -10.25 5.49
C ILE B 183 -16.87 -11.03 5.49
N ASN B 184 -16.79 -12.28 5.96
CA ASN B 184 -17.94 -13.18 5.97
C ASN B 184 -18.17 -13.67 7.40
N ALA B 185 -19.33 -13.33 7.97
CA ALA B 185 -19.71 -13.69 9.34
C ALA B 185 -19.96 -15.18 9.56
N HIS B 186 -20.07 -15.95 8.48
CA HIS B 186 -20.30 -17.38 8.58
C HIS B 186 -19.05 -18.18 8.87
N ARG B 187 -17.83 -17.60 8.77
CA ARG B 187 -16.60 -18.35 9.06
C ARG B 187 -16.59 -18.86 10.51
N PRO B 188 -16.39 -20.17 10.71
CA PRO B 188 -16.32 -20.68 12.09
C PRO B 188 -15.13 -20.11 12.85
N GLY B 189 -15.30 -19.90 14.15
CA GLY B 189 -14.20 -19.43 14.98
C GLY B 189 -14.19 -17.95 15.31
N LEU B 190 -15.21 -17.23 14.83
CA LEU B 190 -15.29 -15.79 15.09
C LEU B 190 -15.70 -15.51 16.52
N GLN B 191 -15.00 -14.58 17.17
CA GLN B 191 -15.30 -14.13 18.52
C GLN B 191 -16.29 -12.96 18.54
N GLU B 192 -16.25 -12.07 17.55
CA GLU B 192 -17.19 -10.95 17.46
C GLU B 192 -18.03 -11.05 16.18
N LYS B 193 -18.78 -12.16 16.04
CA LYS B 193 -19.64 -12.43 14.89
C LYS B 193 -20.51 -11.21 14.48
N ARG B 194 -21.09 -10.48 15.47
CA ARG B 194 -21.93 -9.31 15.26
C ARG B 194 -21.17 -8.15 14.59
N LYS B 195 -19.94 -7.94 15.00
CA LYS B 195 -19.10 -6.88 14.45
C LYS B 195 -18.73 -7.20 12.99
N VAL B 196 -18.46 -8.48 12.69
CA VAL B 196 -18.17 -8.92 11.33
C VAL B 196 -19.44 -8.81 10.48
N GLU B 197 -20.61 -9.14 11.06
CA GLU B 197 -21.90 -9.06 10.41
C GLU B 197 -22.18 -7.63 9.98
N GLN B 198 -21.95 -6.66 10.87
CA GLN B 198 -22.16 -5.26 10.55
C GLN B 198 -21.28 -4.76 9.40
N LEU B 199 -20.01 -5.19 9.37
CA LEU B 199 -19.11 -4.79 8.30
C LEU B 199 -19.50 -5.47 6.98
N GLN B 200 -19.94 -6.73 7.04
CA GLN B 200 -20.43 -7.48 5.89
C GLN B 200 -21.67 -6.80 5.23
N TYR B 201 -22.68 -6.45 6.07
CA TYR B 201 -23.91 -5.80 5.59
C TYR B 201 -23.59 -4.47 4.93
N ASN B 202 -22.63 -3.68 5.49
CA ASN B 202 -22.17 -2.42 4.91
C ASN B 202 -21.48 -2.67 3.56
N LEU B 203 -20.62 -3.71 3.49
CA LEU B 203 -19.96 -4.05 2.22
C LEU B 203 -20.97 -4.49 1.15
N GLU B 204 -22.06 -5.16 1.54
CA GLU B 204 -23.11 -5.56 0.59
C GLU B 204 -23.80 -4.32 0.03
N LEU B 205 -24.02 -3.30 0.88
CA LEU B 205 -24.62 -2.03 0.46
C LEU B 205 -23.70 -1.36 -0.54
N ALA B 206 -22.39 -1.34 -0.24
CA ALA B 206 -21.40 -0.73 -1.12
C ALA B 206 -21.37 -1.48 -2.46
N PHE B 207 -21.38 -2.82 -2.45
CA PHE B 207 -21.36 -3.61 -3.69
C PHE B 207 -22.57 -3.28 -4.58
N HIS B 208 -23.77 -3.22 -3.97
CA HIS B 208 -24.99 -2.92 -4.74
C HIS B 208 -24.98 -1.51 -5.28
N HIS B 209 -24.60 -0.55 -4.44
CA HIS B 209 -24.54 0.86 -4.81
C HIS B 209 -23.58 1.08 -5.99
N HIS B 210 -22.44 0.39 -5.97
CA HIS B 210 -21.46 0.51 -7.03
C HIS B 210 -22.00 -0.10 -8.31
N LEU B 211 -22.69 -1.26 -8.22
CA LEU B 211 -23.23 -1.90 -9.42
C LEU B 211 -24.27 -1.01 -10.10
N CYS B 212 -25.07 -0.29 -9.31
CA CYS B 212 -26.06 0.63 -9.85
C CYS B 212 -25.42 1.82 -10.56
N LYS B 213 -24.41 2.44 -9.95
CA LYS B 213 -23.71 3.57 -10.58
C LYS B 213 -23.00 3.23 -11.89
N THR B 214 -22.64 1.96 -12.10
CA THR B 214 -21.99 1.53 -13.33
C THR B 214 -22.90 0.75 -14.27
N HIS B 215 -24.22 0.65 -13.95
CA HIS B 215 -25.21 -0.07 -14.77
C HIS B 215 -24.82 -1.51 -14.98
N ARG B 216 -24.37 -2.15 -13.89
CA ARG B 216 -23.91 -3.55 -13.92
C ARG B 216 -24.70 -4.45 -12.98
N GLN B 217 -25.89 -3.99 -12.46
CA GLN B 217 -26.77 -4.78 -11.60
C GLN B 217 -27.14 -6.13 -12.21
N SER B 218 -27.16 -6.22 -13.56
CA SER B 218 -27.50 -7.44 -14.28
C SER B 218 -26.50 -8.59 -14.09
N ILE B 219 -25.31 -8.32 -13.50
CA ILE B 219 -24.34 -9.40 -13.27
C ILE B 219 -24.67 -10.19 -12.00
N LEU B 220 -25.48 -9.64 -11.08
CA LEU B 220 -25.84 -10.27 -9.82
C LEU B 220 -26.45 -11.67 -9.99
N ALA B 221 -27.31 -11.82 -11.00
CA ALA B 221 -27.95 -13.08 -11.35
C ALA B 221 -27.01 -14.07 -12.06
N LYS B 222 -25.88 -13.57 -12.60
CA LYS B 222 -24.92 -14.40 -13.32
C LYS B 222 -23.67 -14.76 -12.50
N LEU B 223 -23.55 -14.28 -11.25
CA LEU B 223 -22.40 -14.60 -10.40
C LEU B 223 -22.40 -16.08 -9.98
N PRO B 224 -21.21 -16.70 -9.75
CA PRO B 224 -21.16 -18.12 -9.32
C PRO B 224 -22.06 -18.43 -8.15
N PRO B 225 -22.71 -19.62 -8.16
CA PRO B 225 -23.59 -20.00 -7.03
C PRO B 225 -22.94 -19.87 -5.67
N LYS B 226 -23.76 -19.65 -4.64
CA LYS B 226 -23.38 -19.40 -3.25
C LYS B 226 -22.04 -20.06 -2.78
N GLY B 227 -22.02 -21.37 -2.55
CA GLY B 227 -20.81 -22.00 -2.03
C GLY B 227 -19.89 -22.62 -3.04
N LYS B 228 -19.94 -22.19 -4.32
CA LYS B 228 -19.06 -22.78 -5.34
C LYS B 228 -17.58 -22.53 -5.04
N LEU B 229 -17.27 -21.28 -4.70
CA LEU B 229 -15.93 -20.83 -4.38
C LEU B 229 -15.40 -21.56 -3.17
N ARG B 230 -16.24 -21.66 -2.12
CA ARG B 230 -15.93 -22.32 -0.86
C ARG B 230 -15.65 -23.81 -1.06
N SER B 231 -16.45 -24.50 -1.90
CA SER B 231 -16.24 -25.92 -2.13
C SER B 231 -15.02 -26.18 -3.01
N LEU B 232 -14.73 -25.27 -3.95
CA LEU B 232 -13.56 -25.38 -4.80
C LEU B 232 -12.30 -25.23 -3.95
N CYS B 233 -12.28 -24.28 -3.02
CA CYS B 233 -11.09 -24.06 -2.19
C CYS B 233 -10.95 -25.01 -1.00
N SER B 234 -12.04 -25.68 -0.62
CA SER B 234 -11.97 -26.66 0.46
C SER B 234 -11.79 -28.11 -0.08
N GLN B 235 -11.64 -28.27 -1.41
CA GLN B 235 -11.43 -29.53 -2.09
C GLN B 235 -10.21 -30.27 -1.54
N HIS B 236 -10.40 -31.51 -1.05
CA HIS B 236 -9.29 -32.31 -0.51
C HIS B 236 -8.52 -32.93 -1.68
N VAL B 237 -7.25 -32.51 -1.84
CA VAL B 237 -6.43 -33.01 -2.91
C VAL B 237 -5.22 -33.72 -2.34
N GLU B 238 -5.28 -35.05 -2.35
CA GLU B 238 -4.17 -35.92 -1.95
C GLU B 238 -3.15 -35.76 -3.08
N ARG B 239 -1.98 -35.34 -2.69
CA ARG B 239 -0.80 -34.99 -3.49
C ARG B 239 -0.42 -33.62 -2.99
N LEU B 240 -1.34 -32.64 -3.07
CA LEU B 240 -1.06 -31.30 -2.56
C LEU B 240 -1.00 -31.31 -1.04
N GLN B 241 -1.86 -32.10 -0.38
CA GLN B 241 -1.89 -32.28 1.07
C GLN B 241 -0.56 -32.94 1.49
N ILE B 242 -0.10 -33.99 0.75
CA ILE B 242 1.17 -34.68 1.01
C ILE B 242 2.41 -33.78 0.72
N PHE B 243 2.39 -32.94 -0.34
CA PHE B 243 3.49 -32.00 -0.62
C PHE B 243 3.76 -31.08 0.59
N GLN B 244 2.66 -30.63 1.21
CA GLN B 244 2.60 -29.73 2.35
C GLN B 244 2.58 -30.47 3.67
N HIS B 245 2.93 -31.77 3.70
CA HIS B 245 2.79 -32.64 4.85
C HIS B 245 3.08 -31.95 6.19
N LEU B 246 4.35 -31.62 6.50
CA LEU B 246 4.63 -30.89 7.73
C LEU B 246 4.91 -29.39 7.48
N HIS B 247 5.14 -28.99 6.21
CA HIS B 247 5.36 -27.60 5.85
C HIS B 247 4.05 -26.79 5.81
#